data_6B5P
#
_entry.id   6B5P
#
_cell.length_a   41.832
_cell.length_b   70.680
_cell.length_c   166.733
_cell.angle_alpha   90.00
_cell.angle_beta   90.00
_cell.angle_gamma   90.00
#
_symmetry.space_group_name_H-M   'P 21 21 21'
#
loop_
_entity.id
_entity.type
_entity.pdbx_description
1 polymer 'pfCSP peptide 20: ASN-PRO-ASP-PRO-ASN-ALA-ASN-PRO-ASN-VAL-ASP'
2 polymer 'CIS42 Fab Heavy chain'
3 polymer 'CIS42 Fab Light chain'
4 water water
#
loop_
_entity_poly.entity_id
_entity_poly.type
_entity_poly.pdbx_seq_one_letter_code
_entity_poly.pdbx_strand_id
1 'polypeptide(L)' NPDPNANPNVD A
2 'polypeptide(L)'
;(PCA)VQLVQSGSELKKPGASVKVSCKTSGYTFTTYAMNWVRQAPGQGLEWMGWINTNTGNPTYAPGFTGRFVFSFDTSV
STAYLQISSLKAEDTAVYYCARVYSYGVPFDYWGQGTLVTVSSASTKGPSVFPLAPSSKSTSGGTAALGCLVKDYFPEPV
TVSWNSGALTSGVHTFPAVLQSSGLYSLSSVVTVPSSSLGTQTYICNVNHKPSNTKVDKKVEPKSC
;
H
3 'polypeptide(L)'
;QSVLTQPASVSGSPGQSITISCTATSSNVGSFNLVSWYQHHPGKAPKLIIHEVSKRPSGASNRFSGSKSGNTASLTISGL
QAEDEADYYCCSYVGSDTWVFGGGTKLTVLGQPKAAPSVTLFPPSSEELQANKATLVCLISDFYPGAVTVAWKADSSPVK
AGVETTTPSKQSNNKYAASSYLSLTPEQWKSHRSYSCQVTHEGSTVEKTVAPTECS
;
L
#
# COMPACT_ATOMS: atom_id res chain seq x y z
N ASN A 1 20.55 -19.55 -20.52
CA ASN A 1 21.57 -18.52 -20.54
C ASN A 1 21.62 -17.84 -21.92
N PRO A 2 20.62 -17.02 -22.21
CA PRO A 2 20.56 -16.36 -23.51
C PRO A 2 21.55 -15.21 -23.62
N ASP A 3 21.60 -14.65 -24.81
CA ASP A 3 22.45 -13.50 -25.09
C ASP A 3 21.75 -12.23 -24.60
N PRO A 4 22.43 -11.38 -23.82
CA PRO A 4 21.74 -10.18 -23.29
C PRO A 4 21.32 -9.19 -24.37
N ASN A 5 21.96 -9.19 -25.53
CA ASN A 5 21.55 -8.31 -26.62
C ASN A 5 20.39 -8.88 -27.43
N ALA A 6 20.10 -10.18 -27.27
CA ALA A 6 19.03 -10.79 -28.03
C ALA A 6 17.69 -10.20 -27.65
N ASN A 7 16.83 -9.98 -28.65
CA ASN A 7 15.48 -9.50 -28.41
C ASN A 7 14.54 -10.69 -28.31
N PRO A 8 13.82 -10.89 -27.20
CA PRO A 8 12.88 -12.02 -27.13
C PRO A 8 11.67 -11.88 -28.02
N ASN A 9 11.43 -10.71 -28.61
CA ASN A 9 10.26 -10.48 -29.46
C ASN A 9 10.55 -10.92 -30.89
N VAL A 10 10.81 -12.22 -31.03
CA VAL A 10 11.13 -12.81 -32.32
C VAL A 10 9.86 -13.05 -33.13
N ASP A 11 10.03 -13.16 -34.45
CA ASP A 11 8.92 -13.51 -35.33
C ASP A 11 8.61 -14.99 -35.23
N PCA B 1 9.06 10.82 -26.67
CA PCA B 1 9.89 9.63 -26.31
CB PCA B 1 10.84 9.97 -25.17
CG PCA B 1 10.42 11.32 -24.63
CD PCA B 1 9.40 11.79 -25.64
OE PCA B 1 8.93 12.93 -25.58
C PCA B 1 8.99 8.47 -25.91
O PCA B 1 7.77 8.59 -25.95
HA PCA B 1 10.42 9.37 -27.09
HB2 PCA B 1 10.79 9.27 -24.48
HB3 PCA B 1 11.76 10.01 -25.50
HG2 PCA B 1 10.04 11.23 -23.74
HG3 PCA B 1 11.18 11.93 -24.62
N VAL B 2 9.59 7.36 -25.50
CA VAL B 2 8.82 6.18 -25.10
C VAL B 2 7.83 6.54 -24.00
N GLN B 3 6.61 6.02 -24.10
CA GLN B 3 5.57 6.31 -23.14
C GLN B 3 4.59 5.16 -23.09
N LEU B 4 4.27 4.69 -21.88
CA LEU B 4 3.24 3.68 -21.66
C LEU B 4 2.17 4.30 -20.77
N VAL B 5 0.98 4.49 -21.30
CA VAL B 5 -0.13 5.14 -20.58
C VAL B 5 -1.27 4.14 -20.46
N GLN B 6 -1.60 3.79 -19.22
CA GLN B 6 -2.64 2.81 -18.94
C GLN B 6 -3.96 3.50 -18.65
N SER B 7 -5.02 2.68 -18.62
CA SER B 7 -6.36 3.18 -18.34
C SER B 7 -6.53 3.43 -16.84
N GLY B 8 -7.70 3.98 -16.47
CA GLY B 8 -7.93 4.45 -15.13
C GLY B 8 -8.42 3.35 -14.20
N SER B 9 -8.55 3.73 -12.93
CA SER B 9 -8.94 2.79 -11.88
C SER B 9 -10.25 2.10 -12.24
N GLU B 10 -10.38 0.86 -11.78
CA GLU B 10 -11.56 0.05 -12.02
C GLU B 10 -12.10 -0.49 -10.70
N LEU B 11 -13.41 -0.47 -10.56
CA LEU B 11 -14.11 -1.06 -9.43
C LEU B 11 -15.06 -2.12 -9.95
N LYS B 12 -14.97 -3.33 -9.41
CA LYS B 12 -15.69 -4.47 -9.94
C LYS B 12 -16.18 -5.36 -8.80
N LYS B 13 -17.28 -6.08 -9.06
CA LYS B 13 -17.77 -7.10 -8.17
C LYS B 13 -17.11 -8.45 -8.50
N PRO B 14 -17.06 -9.38 -7.54
CA PRO B 14 -16.59 -10.72 -7.88
C PRO B 14 -17.38 -11.28 -9.05
N GLY B 15 -16.73 -12.13 -9.84
CA GLY B 15 -17.34 -12.72 -11.01
C GLY B 15 -17.40 -11.82 -12.22
N ALA B 16 -17.19 -10.51 -12.07
CA ALA B 16 -17.26 -9.59 -13.19
C ALA B 16 -15.99 -9.69 -14.02
N SER B 17 -15.90 -8.83 -15.04
CA SER B 17 -14.78 -8.84 -15.97
C SER B 17 -14.22 -7.42 -16.09
N VAL B 18 -12.95 -7.35 -16.48
CA VAL B 18 -12.27 -6.08 -16.64
C VAL B 18 -11.25 -6.21 -17.76
N LYS B 19 -10.98 -5.08 -18.44
CA LYS B 19 -10.02 -5.05 -19.53
C LYS B 19 -9.19 -3.78 -19.38
N VAL B 20 -7.90 -3.94 -19.10
CA VAL B 20 -6.97 -2.83 -18.89
C VAL B 20 -6.18 -2.62 -20.17
N SER B 21 -5.96 -1.36 -20.54
CA SER B 21 -5.28 -1.01 -21.77
C SER B 21 -3.94 -0.34 -21.46
N CYS B 22 -3.02 -0.41 -22.42
CA CYS B 22 -1.65 0.09 -22.28
C CYS B 22 -1.24 0.69 -23.62
N LYS B 23 -1.57 1.96 -23.83
CA LYS B 23 -1.24 2.63 -25.08
C LYS B 23 0.23 3.01 -25.09
N THR B 24 0.90 2.73 -26.20
CA THR B 24 2.31 3.02 -26.36
C THR B 24 2.52 4.12 -27.39
N SER B 25 3.70 4.73 -27.33
CA SER B 25 4.11 5.73 -28.29
C SER B 25 5.60 5.97 -28.12
N GLY B 26 6.23 6.52 -29.16
CA GLY B 26 7.66 6.76 -29.16
C GLY B 26 8.50 5.64 -29.73
N TYR B 27 7.91 4.47 -30.00
CA TYR B 27 8.66 3.34 -30.55
C TYR B 27 7.71 2.45 -31.33
N THR B 28 8.28 1.64 -32.21
CA THR B 28 7.51 0.69 -33.00
C THR B 28 6.94 -0.40 -32.10
N PHE B 29 5.61 -0.47 -32.03
CA PHE B 29 4.95 -1.33 -31.03
C PHE B 29 5.33 -2.79 -31.21
N THR B 30 5.50 -3.24 -32.46
CA THR B 30 5.72 -4.66 -32.73
C THR B 30 7.16 -5.10 -32.55
N THR B 31 8.08 -4.19 -32.23
CA THR B 31 9.48 -4.57 -32.14
C THR B 31 9.83 -5.14 -30.76
N TYR B 32 9.10 -4.75 -29.73
CA TYR B 32 9.44 -5.12 -28.36
C TYR B 32 8.25 -5.79 -27.68
N ALA B 33 8.53 -6.83 -26.92
CA ALA B 33 7.50 -7.53 -26.16
C ALA B 33 6.90 -6.62 -25.09
N MET B 34 5.68 -6.93 -24.69
CA MET B 34 4.99 -6.21 -23.61
C MET B 34 4.74 -7.19 -22.47
N ASN B 35 5.11 -6.79 -21.27
CA ASN B 35 5.01 -7.62 -20.07
C ASN B 35 4.01 -7.02 -19.09
N TRP B 36 3.50 -7.87 -18.20
CA TRP B 36 2.52 -7.47 -17.20
C TRP B 36 3.01 -7.87 -15.82
N VAL B 37 2.87 -6.95 -14.88
CA VAL B 37 3.31 -7.14 -13.50
C VAL B 37 2.19 -6.68 -12.58
N ARG B 38 1.99 -7.41 -11.48
CA ARG B 38 0.91 -7.19 -10.55
C ARG B 38 1.48 -6.91 -9.18
N GLN B 39 0.86 -5.99 -8.44
CA GLN B 39 1.20 -5.75 -7.05
C GLN B 39 -0.08 -5.73 -6.23
N ALA B 40 -0.26 -6.77 -5.42
CA ALA B 40 -1.40 -6.84 -4.52
C ALA B 40 -1.12 -6.05 -3.24
N PRO B 41 -2.16 -5.66 -2.52
CA PRO B 41 -1.95 -4.92 -1.26
C PRO B 41 -0.92 -5.59 -0.37
N GLY B 42 0.02 -4.79 0.13
CA GLY B 42 1.02 -5.30 1.05
C GLY B 42 1.83 -6.46 0.52
N GLN B 43 2.02 -6.54 -0.80
CA GLN B 43 2.80 -7.59 -1.41
C GLN B 43 3.80 -6.97 -2.38
N GLY B 44 4.68 -7.81 -2.92
CA GLY B 44 5.68 -7.35 -3.87
C GLY B 44 5.18 -7.42 -5.29
N LEU B 45 6.10 -7.14 -6.21
CA LEU B 45 5.82 -7.27 -7.63
C LEU B 45 5.85 -8.74 -8.03
N GLU B 46 4.89 -9.15 -8.85
CA GLU B 46 4.82 -10.52 -9.32
C GLU B 46 4.64 -10.51 -10.84
N TRP B 47 5.59 -11.11 -11.53
CA TRP B 47 5.54 -11.21 -12.98
C TRP B 47 4.38 -12.11 -13.40
N MET B 48 3.54 -11.59 -14.30
CA MET B 48 2.37 -12.33 -14.79
C MET B 48 2.64 -13.04 -16.11
N GLY B 49 3.41 -12.42 -16.99
CA GLY B 49 3.68 -12.98 -18.30
C GLY B 49 3.97 -11.87 -19.29
N TRP B 50 4.07 -12.28 -20.55
CA TRP B 50 4.28 -11.35 -21.66
C TRP B 50 3.59 -11.89 -22.90
N ILE B 51 3.48 -11.03 -23.91
CA ILE B 51 2.92 -11.38 -25.21
C ILE B 51 3.90 -10.92 -26.27
N ASN B 52 4.18 -11.79 -27.23
CA ASN B 52 5.06 -11.46 -28.35
C ASN B 52 4.28 -10.60 -29.34
N THR B 53 4.66 -9.33 -29.45
CA THR B 53 3.91 -8.40 -30.29
C THR B 53 4.10 -8.64 -31.78
N ASN B 54 4.90 -9.62 -32.18
CA ASN B 54 5.03 -9.99 -33.59
C ASN B 54 4.22 -11.24 -33.92
N THR B 55 4.31 -12.28 -33.09
CA THR B 55 3.58 -13.52 -33.33
C THR B 55 2.26 -13.61 -32.56
N GLY B 56 2.09 -12.81 -31.51
CA GLY B 56 0.91 -12.88 -30.69
C GLY B 56 0.94 -13.94 -29.60
N ASN B 57 1.93 -14.81 -29.60
CA ASN B 57 1.98 -15.89 -28.64
C ASN B 57 2.04 -15.32 -27.23
N PRO B 58 1.11 -15.67 -26.35
CA PRO B 58 1.21 -15.23 -24.95
C PRO B 58 1.86 -16.28 -24.07
N THR B 59 2.56 -15.77 -23.06
CA THR B 59 3.22 -16.59 -22.06
C THR B 59 2.68 -16.17 -20.70
N TYR B 60 2.03 -17.10 -20.02
CA TYR B 60 1.44 -16.86 -18.71
C TYR B 60 2.23 -17.64 -17.66
N ALA B 61 2.68 -16.94 -16.62
CA ALA B 61 3.36 -17.59 -15.52
C ALA B 61 2.38 -18.45 -14.73
N PRO B 62 2.87 -19.46 -14.02
CA PRO B 62 1.97 -20.24 -13.15
C PRO B 62 1.33 -19.33 -12.11
N GLY B 63 0.01 -19.40 -12.02
CA GLY B 63 -0.76 -18.51 -11.18
C GLY B 63 -1.58 -17.51 -11.95
N PHE B 64 -1.36 -17.37 -13.25
CA PHE B 64 -2.17 -16.48 -14.08
C PHE B 64 -2.62 -17.19 -15.35
N THR B 65 -2.79 -18.50 -15.28
CA THR B 65 -3.39 -19.28 -16.33
C THR B 65 -4.85 -19.54 -16.01
N GLY B 66 -5.69 -19.55 -17.05
CA GLY B 66 -7.08 -19.93 -16.93
C GLY B 66 -8.06 -18.77 -16.96
N ARG B 67 -7.66 -17.60 -16.46
CA ARG B 67 -8.58 -16.48 -16.32
C ARG B 67 -8.01 -15.17 -16.87
N PHE B 68 -6.76 -15.15 -17.32
CA PHE B 68 -6.12 -13.94 -17.80
C PHE B 68 -5.83 -14.06 -19.29
N VAL B 69 -5.91 -12.94 -20.00
CA VAL B 69 -5.70 -12.90 -21.44
C VAL B 69 -4.88 -11.67 -21.78
N PHE B 70 -3.73 -11.86 -22.40
CA PHE B 70 -2.97 -10.77 -22.99
C PHE B 70 -3.36 -10.63 -24.46
N SER B 71 -3.46 -9.40 -24.93
CA SER B 71 -3.75 -9.14 -26.33
C SER B 71 -3.19 -7.78 -26.71
N PHE B 72 -3.27 -7.45 -28.00
CA PHE B 72 -2.83 -6.15 -28.47
C PHE B 72 -3.59 -5.79 -29.73
N ASP B 73 -3.67 -4.49 -30.00
CA ASP B 73 -4.30 -3.95 -31.19
C ASP B 73 -3.27 -3.06 -31.88
N THR B 74 -2.55 -3.62 -32.86
CA THR B 74 -1.47 -2.87 -33.50
C THR B 74 -1.97 -1.61 -34.20
N SER B 75 -3.27 -1.54 -34.52
CA SER B 75 -3.79 -0.36 -35.20
C SER B 75 -3.60 0.90 -34.37
N VAL B 76 -3.48 0.77 -33.04
CA VAL B 76 -3.38 1.91 -32.15
C VAL B 76 -2.24 1.70 -31.15
N SER B 77 -1.34 0.77 -31.47
CA SER B 77 -0.14 0.53 -30.66
C SER B 77 -0.50 0.34 -29.18
N THR B 78 -1.46 -0.55 -28.93
CA THR B 78 -1.99 -0.75 -27.59
C THR B 78 -1.96 -2.23 -27.22
N ALA B 79 -1.57 -2.51 -25.98
CA ALA B 79 -1.64 -3.85 -25.41
C ALA B 79 -2.76 -3.89 -24.39
N TYR B 80 -3.35 -5.07 -24.19
CA TYR B 80 -4.51 -5.22 -23.34
C TYR B 80 -4.33 -6.39 -22.39
N LEU B 81 -4.93 -6.25 -21.21
CA LEU B 81 -5.04 -7.33 -20.25
C LEU B 81 -6.51 -7.44 -19.86
N GLN B 82 -7.08 -8.63 -20.03
CA GLN B 82 -8.44 -8.91 -19.62
C GLN B 82 -8.45 -10.03 -18.59
N ILE B 83 -9.28 -9.85 -17.56
CA ILE B 83 -9.43 -10.83 -16.49
C ILE B 83 -10.89 -11.26 -16.46
N SER B 84 -11.12 -12.56 -16.46
CA SER B 84 -12.46 -13.13 -16.39
C SER B 84 -12.70 -13.68 -14.99
N SER B 85 -13.97 -13.71 -14.59
CA SER B 85 -14.38 -14.24 -13.29
C SER B 85 -13.51 -13.67 -12.16
N LEU B 86 -13.58 -12.34 -12.03
CA LEU B 86 -12.75 -11.64 -11.06
C LEU B 86 -12.98 -12.19 -9.65
N LYS B 87 -11.90 -12.44 -8.95
CA LYS B 87 -11.94 -12.81 -7.54
C LYS B 87 -11.41 -11.68 -6.68
N ALA B 88 -11.79 -11.67 -5.41
CA ALA B 88 -11.32 -10.64 -4.49
C ALA B 88 -9.80 -10.60 -4.45
N GLU B 89 -9.15 -11.76 -4.49
CA GLU B 89 -7.70 -11.81 -4.48
C GLU B 89 -7.08 -11.33 -5.78
N ASP B 90 -7.86 -10.85 -6.74
CA ASP B 90 -7.29 -10.16 -7.89
C ASP B 90 -6.96 -8.71 -7.57
N THR B 91 -7.54 -8.15 -6.50
CA THR B 91 -7.31 -6.77 -6.14
C THR B 91 -5.81 -6.48 -6.11
N ALA B 92 -5.37 -5.58 -6.98
CA ALA B 92 -3.95 -5.29 -7.13
C ALA B 92 -3.79 -4.17 -8.14
N VAL B 93 -2.60 -3.56 -8.14
CA VAL B 93 -2.21 -2.60 -9.17
C VAL B 93 -1.54 -3.37 -10.28
N TYR B 94 -2.06 -3.22 -11.50
CA TYR B 94 -1.55 -3.92 -12.67
C TYR B 94 -0.72 -2.96 -13.52
N TYR B 95 0.52 -3.36 -13.81
CA TYR B 95 1.43 -2.58 -14.62
C TYR B 95 1.69 -3.29 -15.94
N CYS B 96 1.92 -2.49 -16.99
CA CYS B 96 2.50 -2.97 -18.23
C CYS B 96 3.91 -2.42 -18.35
N ALA B 97 4.83 -3.24 -18.83
CA ALA B 97 6.24 -2.88 -18.92
C ALA B 97 6.84 -3.48 -20.19
N ARG B 98 7.70 -2.71 -20.83
CA ARG B 98 8.34 -3.13 -22.07
C ARG B 98 9.63 -3.89 -21.76
N VAL B 99 9.97 -4.83 -22.64
CA VAL B 99 11.24 -5.54 -22.56
C VAL B 99 12.05 -5.20 -23.80
N TYR B 100 13.20 -4.57 -23.60
CA TYR B 100 14.07 -4.18 -24.71
C TYR B 100 14.92 -5.36 -25.17
N SER B 101 15.47 -6.11 -24.21
CA SER B 101 16.30 -7.28 -24.51
C SER B 101 16.33 -8.15 -23.28
N TYR B 102 16.97 -9.32 -23.41
CA TYR B 102 17.15 -10.19 -22.26
C TYR B 102 17.94 -9.48 -21.16
N GLY B 103 18.91 -8.65 -21.54
CA GLY B 103 19.73 -7.95 -20.56
C GLY B 103 19.10 -6.71 -19.98
N VAL B 104 18.10 -6.15 -20.66
CA VAL B 104 17.45 -4.92 -20.21
C VAL B 104 15.94 -5.15 -20.17
N PRO B 105 15.43 -5.93 -19.22
CA PRO B 105 13.98 -6.11 -19.12
C PRO B 105 13.31 -5.03 -18.29
N PHE B 106 12.10 -4.64 -18.71
CA PHE B 106 11.27 -3.72 -17.95
C PHE B 106 11.93 -2.34 -17.84
N ASP B 107 12.36 -1.81 -19.00
CA ASP B 107 13.02 -0.51 -19.01
C ASP B 107 12.04 0.66 -19.00
N TYR B 108 10.81 0.44 -19.49
CA TYR B 108 9.77 1.46 -19.44
C TYR B 108 8.49 0.84 -18.86
N TRP B 109 7.86 1.57 -17.95
CA TRP B 109 6.69 1.08 -17.22
C TRP B 109 5.49 1.99 -17.44
N GLY B 110 4.30 1.40 -17.52
CA GLY B 110 3.09 2.17 -17.38
C GLY B 110 2.95 2.69 -15.95
N GLN B 111 2.00 3.60 -15.76
CA GLN B 111 1.79 4.19 -14.44
C GLN B 111 0.96 3.30 -13.53
N GLY B 112 0.44 2.19 -14.01
CA GLY B 112 -0.33 1.29 -13.18
C GLY B 112 -1.82 1.54 -13.27
N THR B 113 -2.59 0.48 -13.11
CA THR B 113 -4.05 0.54 -13.10
C THR B 113 -4.55 -0.21 -11.87
N LEU B 114 -5.18 0.51 -10.95
CA LEU B 114 -5.74 -0.11 -9.76
C LEU B 114 -7.05 -0.81 -10.12
N VAL B 115 -7.11 -2.12 -9.86
CA VAL B 115 -8.33 -2.91 -10.04
C VAL B 115 -8.74 -3.41 -8.68
N THR B 116 -9.90 -2.97 -8.20
CA THR B 116 -10.43 -3.38 -6.91
C THR B 116 -11.63 -4.31 -7.13
N VAL B 117 -11.63 -5.45 -6.44
CA VAL B 117 -12.68 -6.44 -6.55
C VAL B 117 -13.25 -6.62 -5.16
N SER B 118 -14.44 -6.08 -4.91
CA SER B 118 -15.09 -6.18 -3.62
C SER B 118 -16.57 -6.48 -3.82
N SER B 119 -17.11 -7.31 -2.92
CA SER B 119 -18.53 -7.67 -2.96
C SER B 119 -19.42 -6.63 -2.29
N ALA B 120 -18.83 -5.59 -1.67
CA ALA B 120 -19.62 -4.59 -0.98
C ALA B 120 -20.23 -3.60 -1.96
N SER B 121 -21.28 -2.95 -1.52
CA SER B 121 -22.03 -1.98 -2.32
C SER B 121 -21.92 -0.61 -1.70
N THR B 122 -22.23 0.41 -2.51
CA THR B 122 -22.23 1.78 -2.02
C THR B 122 -23.06 1.86 -0.75
N LYS B 123 -22.53 2.58 0.24
CA LYS B 123 -23.21 2.74 1.52
C LYS B 123 -22.70 4.00 2.19
N GLY B 124 -23.61 4.79 2.73
CA GLY B 124 -23.27 6.00 3.43
C GLY B 124 -22.75 5.72 4.82
N PRO B 125 -21.95 6.62 5.36
CA PRO B 125 -21.34 6.39 6.68
C PRO B 125 -22.33 6.59 7.82
N SER B 126 -21.99 5.99 8.96
CA SER B 126 -22.71 6.18 10.21
C SER B 126 -21.78 6.96 11.15
N VAL B 127 -22.06 8.25 11.30
CA VAL B 127 -21.16 9.15 12.02
C VAL B 127 -21.57 9.17 13.49
N PHE B 128 -20.59 8.92 14.37
CA PHE B 128 -20.82 8.91 15.80
C PHE B 128 -19.89 9.89 16.49
N PRO B 129 -20.36 10.59 17.54
CA PRO B 129 -19.48 11.54 18.24
C PRO B 129 -18.56 10.84 19.22
N LEU B 130 -17.34 11.34 19.30
CA LEU B 130 -16.33 10.83 20.23
C LEU B 130 -16.12 11.93 21.27
N ALA B 131 -16.83 11.82 22.40
CA ALA B 131 -16.87 12.89 23.38
C ALA B 131 -15.49 13.09 24.02
N PRO B 132 -15.19 14.31 24.49
CA PRO B 132 -13.89 14.62 25.11
C PRO B 132 -13.77 14.09 26.54
N GLY B 139 -3.64 17.28 29.18
CA GLY B 139 -3.48 18.33 30.18
C GLY B 139 -3.96 19.69 29.71
N GLY B 140 -5.06 20.17 30.30
CA GLY B 140 -5.68 21.40 29.86
C GLY B 140 -6.39 21.21 28.53
N THR B 141 -5.66 20.74 27.52
CA THR B 141 -6.27 20.41 26.25
C THR B 141 -7.06 19.11 26.35
N ALA B 142 -8.20 19.07 25.66
CA ALA B 142 -9.02 17.88 25.58
C ALA B 142 -9.19 17.49 24.12
N ALA B 143 -9.33 16.18 23.88
CA ALA B 143 -9.41 15.64 22.53
C ALA B 143 -10.79 15.07 22.29
N LEU B 144 -11.43 15.50 21.21
CA LEU B 144 -12.70 14.96 20.78
C LEU B 144 -12.65 14.76 19.27
N GLY B 145 -13.51 13.88 18.78
CA GLY B 145 -13.52 13.58 17.37
C GLY B 145 -14.82 12.96 16.93
N CYS B 146 -14.82 12.49 15.68
CA CYS B 146 -15.94 11.80 15.09
C CYS B 146 -15.48 10.47 14.51
N LEU B 147 -16.36 9.49 14.55
CA LEU B 147 -16.11 8.15 14.01
C LEU B 147 -16.94 7.98 12.76
N VAL B 148 -16.29 7.95 11.60
CA VAL B 148 -16.96 7.74 10.32
C VAL B 148 -16.92 6.24 10.03
N LYS B 149 -18.08 5.59 10.11
CA LYS B 149 -18.15 4.14 10.25
C LYS B 149 -18.94 3.51 9.11
N ASP B 150 -18.42 2.41 8.58
CA ASP B 150 -19.13 1.53 7.65
C ASP B 150 -19.63 2.28 6.42
N TYR B 151 -18.67 2.65 5.57
CA TYR B 151 -18.99 3.31 4.31
C TYR B 151 -18.22 2.66 3.17
N PHE B 152 -18.75 2.80 1.96
CA PHE B 152 -18.09 2.27 0.77
C PHE B 152 -18.58 3.02 -0.46
N PRO B 153 -17.67 3.35 -1.39
CA PRO B 153 -16.23 3.15 -1.41
C PRO B 153 -15.48 4.35 -0.84
N GLU B 154 -14.15 4.28 -0.84
CA GLU B 154 -13.36 5.46 -0.57
C GLU B 154 -13.81 6.51 -1.59
N PRO B 155 -13.66 7.82 -1.30
CA PRO B 155 -13.20 8.56 -0.11
C PRO B 155 -14.28 9.22 0.75
N VAL B 156 -13.88 9.55 1.99
CA VAL B 156 -14.60 10.47 2.85
C VAL B 156 -13.71 11.69 3.09
N THR B 157 -14.36 12.84 3.23
CA THR B 157 -13.68 14.07 3.63
C THR B 157 -14.30 14.57 4.92
N VAL B 158 -13.46 14.98 5.85
CA VAL B 158 -13.92 15.53 7.11
C VAL B 158 -13.38 16.95 7.23
N SER B 159 -14.15 17.80 7.90
CA SER B 159 -13.72 19.13 8.31
C SER B 159 -14.31 19.40 9.68
N TRP B 160 -14.03 20.58 10.23
CA TRP B 160 -14.50 20.91 11.56
C TRP B 160 -15.02 22.35 11.59
N ASN B 161 -16.24 22.52 12.11
CA ASN B 161 -16.89 23.82 12.20
C ASN B 161 -16.83 24.54 10.85
N SER B 162 -17.24 23.83 9.81
CA SER B 162 -17.31 24.39 8.45
C SER B 162 -15.95 24.95 8.02
N GLY B 163 -14.88 24.29 8.45
CA GLY B 163 -13.55 24.69 8.05
C GLY B 163 -12.94 25.80 8.87
N ALA B 164 -13.46 26.06 10.07
CA ALA B 164 -12.96 27.14 10.91
C ALA B 164 -12.10 26.63 12.06
N LEU B 165 -11.80 25.33 12.08
CA LEU B 165 -11.01 24.72 13.15
C LEU B 165 -9.93 23.85 12.53
N THR B 166 -9.04 24.48 11.77
CA THR B 166 -7.98 23.75 11.08
C THR B 166 -6.87 23.33 12.02
N SER B 167 -6.41 24.25 12.87
CA SER B 167 -5.29 23.98 13.75
C SER B 167 -5.67 22.94 14.80
N GLY B 168 -4.79 21.96 14.99
CA GLY B 168 -5.02 20.92 15.99
C GLY B 168 -5.90 19.78 15.54
N VAL B 169 -5.96 19.52 14.23
CA VAL B 169 -6.85 18.52 13.66
C VAL B 169 -6.03 17.42 13.01
N HIS B 170 -6.51 16.19 13.13
CA HIS B 170 -5.85 15.05 12.49
C HIS B 170 -6.94 14.07 12.06
N THR B 171 -7.13 13.92 10.76
CA THR B 171 -8.05 12.94 10.19
C THR B 171 -7.23 11.71 9.78
N PHE B 172 -7.59 10.54 10.33
CA PHE B 172 -6.78 9.34 10.16
C PHE B 172 -7.18 8.59 8.88
N PRO B 173 -6.22 8.00 8.16
CA PRO B 173 -6.58 7.15 7.02
C PRO B 173 -7.61 6.09 7.43
N ALA B 174 -8.31 5.54 6.45
CA ALA B 174 -9.44 4.66 6.71
C ALA B 174 -8.98 3.23 6.96
N VAL B 175 -9.87 2.44 7.54
CA VAL B 175 -9.69 1.01 7.73
C VAL B 175 -10.50 0.28 6.66
N LEU B 176 -10.00 -0.88 6.22
CA LEU B 176 -10.79 -1.80 5.41
C LEU B 176 -11.19 -2.97 6.31
N GLN B 177 -12.45 -2.98 6.73
CA GLN B 177 -12.96 -4.06 7.55
C GLN B 177 -12.96 -5.38 6.76
N SER B 178 -12.95 -6.48 7.50
CA SER B 178 -13.10 -7.79 6.86
C SER B 178 -14.41 -7.87 6.08
N SER B 179 -15.42 -7.11 6.50
CA SER B 179 -16.69 -7.08 5.79
C SER B 179 -16.59 -6.39 4.45
N GLY B 180 -15.55 -5.59 4.23
CA GLY B 180 -15.37 -4.86 3.00
C GLY B 180 -15.72 -3.39 3.06
N LEU B 181 -16.23 -2.91 4.19
CA LEU B 181 -16.59 -1.52 4.38
C LEU B 181 -15.48 -0.77 5.11
N TYR B 182 -15.41 0.54 4.89
CA TYR B 182 -14.34 1.37 5.43
C TYR B 182 -14.83 2.19 6.62
N SER B 183 -13.93 2.42 7.57
CA SER B 183 -14.18 3.29 8.70
C SER B 183 -12.96 4.18 8.92
N LEU B 184 -13.19 5.38 9.46
CA LEU B 184 -12.11 6.26 9.85
C LEU B 184 -12.57 7.13 11.00
N SER B 185 -11.64 7.94 11.52
CA SER B 185 -11.93 8.89 12.57
C SER B 185 -11.05 10.11 12.37
N SER B 186 -11.56 11.27 12.76
CA SER B 186 -10.77 12.48 12.86
C SER B 186 -10.96 13.07 14.25
N VAL B 187 -9.87 13.50 14.84
CA VAL B 187 -9.87 14.05 16.19
C VAL B 187 -9.28 15.45 16.14
N VAL B 188 -9.71 16.28 17.09
CA VAL B 188 -9.19 17.63 17.23
C VAL B 188 -8.84 17.86 18.69
N THR B 189 -7.70 18.49 18.92
CA THR B 189 -7.23 18.85 20.26
C THR B 189 -7.59 20.30 20.52
N VAL B 190 -8.37 20.56 21.57
CA VAL B 190 -8.86 21.90 21.84
C VAL B 190 -8.77 22.19 23.33
N PRO B 191 -8.63 23.46 23.69
CA PRO B 191 -8.66 23.84 25.11
C PRO B 191 -9.90 23.30 25.82
N SER B 192 -9.71 22.85 27.07
CA SER B 192 -10.83 22.36 27.86
C SER B 192 -11.69 23.52 28.37
N SER B 193 -11.09 24.69 28.57
CA SER B 193 -11.86 25.86 28.97
C SER B 193 -12.90 26.26 27.93
N SER B 194 -12.81 25.72 26.70
CA SER B 194 -13.72 26.07 25.63
C SER B 194 -15.03 25.30 25.68
N LEU B 195 -15.04 24.12 26.28
CA LEU B 195 -16.18 23.24 26.18
C LEU B 195 -17.49 23.89 26.62
N GLY B 196 -17.43 25.04 27.28
CA GLY B 196 -18.64 25.69 27.70
C GLY B 196 -19.27 26.56 26.63
N THR B 197 -20.07 25.97 25.73
CA THR B 197 -20.89 26.64 24.72
C THR B 197 -20.13 26.87 23.41
N GLN B 198 -18.81 26.67 23.39
CA GLN B 198 -18.12 26.60 22.10
C GLN B 198 -18.45 25.27 21.44
N THR B 199 -19.13 25.34 20.30
CA THR B 199 -19.76 24.18 19.68
C THR B 199 -18.84 23.62 18.61
N TYR B 200 -18.56 22.33 18.68
CA TYR B 200 -17.70 21.64 17.73
C TYR B 200 -18.53 20.70 16.87
N ILE B 201 -18.39 20.82 15.56
CA ILE B 201 -19.09 19.99 14.59
C ILE B 201 -18.08 19.47 13.59
N CYS B 202 -18.14 18.17 13.30
CA CYS B 202 -17.40 17.59 12.19
C CYS B 202 -18.30 17.53 10.97
N ASN B 203 -17.79 17.98 9.83
CA ASN B 203 -18.54 18.00 8.58
C ASN B 203 -18.02 16.87 7.68
N VAL B 204 -18.82 15.81 7.56
CA VAL B 204 -18.44 14.62 6.83
C VAL B 204 -19.11 14.65 5.46
N ASN B 205 -18.32 14.42 4.41
CA ASN B 205 -18.84 14.34 3.05
C ASN B 205 -18.38 13.03 2.43
N HIS B 206 -19.33 12.22 2.00
CA HIS B 206 -19.07 10.97 1.28
C HIS B 206 -19.70 11.13 -0.10
N LYS B 207 -18.93 11.69 -1.03
CA LYS B 207 -19.42 11.93 -2.39
C LYS B 207 -20.06 10.71 -3.02
N PRO B 208 -19.44 9.53 -3.02
CA PRO B 208 -20.06 8.38 -3.69
C PRO B 208 -21.52 8.14 -3.33
N SER B 209 -21.89 8.29 -2.06
CA SER B 209 -23.26 8.07 -1.62
C SER B 209 -24.09 9.36 -1.54
N ASN B 210 -23.55 10.48 -2.03
CA ASN B 210 -24.26 11.76 -2.01
C ASN B 210 -24.81 12.03 -0.61
N THR B 211 -23.94 11.94 0.39
CA THR B 211 -24.32 12.08 1.78
C THR B 211 -23.34 13.01 2.49
N LYS B 212 -23.89 14.02 3.18
CA LYS B 212 -23.12 14.87 4.08
C LYS B 212 -23.74 14.77 5.46
N VAL B 213 -22.89 14.74 6.49
CA VAL B 213 -23.35 14.68 7.88
C VAL B 213 -22.55 15.68 8.70
N ASP B 214 -23.27 16.53 9.44
CA ASP B 214 -22.66 17.46 10.38
C ASP B 214 -23.05 16.99 11.78
N LYS B 215 -22.09 16.43 12.51
CA LYS B 215 -22.36 15.74 13.76
C LYS B 215 -21.89 16.59 14.93
N LYS B 216 -22.84 17.02 15.75
CA LYS B 216 -22.54 17.81 16.93
C LYS B 216 -21.84 16.93 17.97
N VAL B 217 -20.64 17.35 18.39
CA VAL B 217 -19.88 16.64 19.41
C VAL B 217 -19.94 17.46 20.69
N GLU B 218 -20.73 16.99 21.65
CA GLU B 218 -20.89 17.69 22.91
C GLU B 218 -20.37 16.83 24.05
N PRO B 219 -19.76 17.43 25.07
CA PRO B 219 -19.29 16.68 26.24
C PRO B 219 -20.37 15.82 26.89
N SER C 2 9.44 -17.34 -2.56
CA SER C 2 9.85 -16.67 -3.78
C SER C 2 11.13 -17.27 -4.34
N VAL C 3 11.31 -17.15 -5.66
CA VAL C 3 12.49 -17.70 -6.32
C VAL C 3 13.75 -16.91 -5.98
N LEU C 4 13.61 -15.62 -5.64
CA LEU C 4 14.73 -14.77 -5.28
C LEU C 4 14.49 -14.18 -3.90
N THR C 5 15.40 -14.47 -2.97
CA THR C 5 15.26 -14.04 -1.57
C THR C 5 15.95 -12.69 -1.37
N GLN C 6 15.22 -11.73 -0.82
CA GLN C 6 15.73 -10.44 -0.43
C GLN C 6 15.41 -10.19 1.03
N PRO C 7 16.19 -9.35 1.72
CA PRO C 7 15.84 -8.99 3.09
C PRO C 7 14.55 -8.19 3.11
N ALA C 8 13.67 -8.52 4.06
CA ALA C 8 12.39 -7.84 4.15
C ALA C 8 12.57 -6.34 4.32
N SER C 9 13.62 -5.92 5.02
CA SER C 9 13.83 -4.50 5.27
C SER C 9 15.31 -4.25 5.58
N VAL C 10 15.75 -3.03 5.29
CA VAL C 10 17.09 -2.56 5.61
C VAL C 10 17.00 -1.09 5.99
N SER C 11 17.82 -0.69 6.95
CA SER C 11 17.81 0.66 7.48
C SER C 11 19.21 1.23 7.41
N GLY C 12 19.30 2.48 6.94
CA GLY C 12 20.56 3.20 6.96
C GLY C 12 20.33 4.66 7.31
N SER C 13 21.38 5.28 7.84
CA SER C 13 21.25 6.70 8.12
C SER C 13 21.83 7.52 6.97
N PRO C 14 21.36 8.77 6.80
CA PRO C 14 21.86 9.60 5.70
C PRO C 14 23.38 9.65 5.66
N GLY C 15 23.93 9.42 4.46
CA GLY C 15 25.35 9.47 4.22
C GLY C 15 26.01 8.10 4.14
N GLN C 16 25.51 7.14 4.90
CA GLN C 16 26.08 5.80 4.87
C GLN C 16 25.77 5.12 3.54
N SER C 17 26.36 3.95 3.34
CA SER C 17 26.08 3.10 2.19
C SER C 17 25.38 1.85 2.69
N ILE C 18 24.30 1.47 2.01
CA ILE C 18 23.51 0.31 2.37
C ILE C 18 23.71 -0.75 1.30
N THR C 19 23.48 -2.01 1.67
CA THR C 19 23.59 -3.13 0.75
C THR C 19 22.35 -4.01 0.87
N ILE C 20 21.83 -4.44 -0.28
CA ILE C 20 20.64 -5.29 -0.35
C ILE C 20 21.00 -6.54 -1.14
N SER C 21 20.79 -7.71 -0.54
CA SER C 21 21.18 -8.98 -1.15
C SER C 21 20.01 -9.59 -1.91
N CYS C 22 20.34 -10.58 -2.75
CA CYS C 22 19.34 -11.22 -3.60
C CYS C 22 19.89 -12.60 -3.97
N THR C 23 19.37 -13.64 -3.34
CA THR C 23 19.90 -15.00 -3.49
C THR C 23 18.96 -15.83 -4.35
N ALA C 24 19.53 -16.53 -5.34
CA ALA C 24 18.76 -17.43 -6.19
C ALA C 24 18.47 -18.72 -5.45
N THR C 25 17.20 -19.07 -5.34
CA THR C 25 16.75 -20.27 -4.65
C THR C 25 16.77 -21.52 -5.54
N SER C 26 16.93 -21.37 -6.85
CA SER C 26 16.95 -22.51 -7.75
C SER C 26 18.01 -22.27 -8.81
N SER C 27 18.29 -23.33 -9.58
CA SER C 27 19.22 -23.25 -10.70
C SER C 27 18.57 -22.78 -11.99
N ASN C 28 17.26 -22.47 -11.97
CA ASN C 28 16.61 -21.94 -13.16
C ASN C 28 17.26 -20.65 -13.65
N VAL C 29 17.91 -19.90 -12.76
CA VAL C 29 18.61 -18.69 -13.15
C VAL C 29 19.82 -19.00 -14.02
N GLY C 30 20.38 -20.20 -13.91
CA GLY C 30 21.51 -20.59 -14.73
C GLY C 30 22.77 -19.81 -14.39
N SER C 31 23.30 -19.08 -15.36
CA SER C 31 24.50 -18.29 -15.12
C SER C 31 24.27 -17.21 -14.08
N PHE C 32 23.02 -16.73 -13.95
CA PHE C 32 22.69 -15.67 -13.01
C PHE C 32 23.32 -14.34 -13.42
N ASN C 33 23.51 -14.14 -14.71
CA ASN C 33 24.08 -12.92 -15.27
C ASN C 33 23.02 -11.97 -15.81
N LEU C 34 21.74 -12.34 -15.73
CA LEU C 34 20.66 -11.49 -16.21
C LEU C 34 19.85 -10.96 -15.03
N VAL C 35 20.53 -10.34 -14.09
CA VAL C 35 19.92 -9.80 -12.88
C VAL C 35 19.68 -8.32 -13.07
N SER C 36 18.54 -7.83 -12.59
CA SER C 36 18.18 -6.42 -12.71
C SER C 36 17.55 -5.94 -11.41
N TRP C 37 17.76 -4.66 -11.11
CA TRP C 37 17.21 -4.05 -9.90
C TRP C 37 16.28 -2.90 -10.28
N TYR C 38 15.35 -2.60 -9.37
CA TYR C 38 14.32 -1.60 -9.62
C TYR C 38 14.06 -0.80 -8.36
N GLN C 39 13.82 0.50 -8.52
CA GLN C 39 13.40 1.38 -7.44
C GLN C 39 11.91 1.68 -7.60
N HIS C 40 11.13 1.39 -6.56
CA HIS C 40 9.69 1.51 -6.62
C HIS C 40 9.22 2.44 -5.51
N HIS C 41 8.87 3.65 -5.88
CA HIS C 41 8.26 4.58 -4.94
C HIS C 41 6.74 4.43 -4.94
N PRO C 42 6.08 4.76 -3.83
CA PRO C 42 4.62 4.60 -3.77
C PRO C 42 3.92 5.52 -4.76
N GLY C 43 2.83 5.02 -5.32
CA GLY C 43 2.03 5.79 -6.26
C GLY C 43 2.65 5.99 -7.62
N LYS C 44 3.91 5.58 -7.80
CA LYS C 44 4.61 5.73 -9.07
C LYS C 44 5.07 4.37 -9.57
N ALA C 45 5.46 4.33 -10.82
CA ALA C 45 5.84 3.07 -11.43
C ALA C 45 7.28 2.71 -11.06
N PRO C 46 7.60 1.41 -11.02
CA PRO C 46 9.00 1.02 -10.78
C PRO C 46 9.93 1.64 -11.82
N LYS C 47 11.20 1.73 -11.43
CA LYS C 47 12.22 2.38 -12.25
C LYS C 47 13.45 1.48 -12.31
N LEU C 48 13.90 1.17 -13.52
CA LEU C 48 15.09 0.34 -13.69
C LEU C 48 16.33 1.14 -13.29
N ILE C 49 17.16 0.54 -12.43
CA ILE C 49 18.39 1.18 -11.97
C ILE C 49 19.62 0.31 -12.15
N ILE C 50 19.49 -1.01 -12.30
CA ILE C 50 20.61 -1.89 -12.58
C ILE C 50 20.10 -3.03 -13.46
N HIS C 51 20.88 -3.39 -14.47
CA HIS C 51 20.58 -4.53 -15.31
C HIS C 51 21.88 -5.25 -15.65
N GLU C 52 21.77 -6.54 -15.94
CA GLU C 52 22.93 -7.39 -16.21
C GLU C 52 23.92 -7.33 -15.04
N VAL C 53 23.41 -7.59 -13.84
CA VAL C 53 24.21 -7.71 -12.62
C VAL C 53 24.68 -6.35 -12.12
N SER C 54 25.35 -5.58 -12.99
CA SER C 54 26.03 -4.36 -12.54
C SER C 54 25.82 -3.15 -13.44
N LYS C 55 25.37 -3.32 -14.69
CA LYS C 55 25.26 -2.18 -15.59
C LYS C 55 24.28 -1.16 -15.04
N ARG C 56 24.74 0.08 -14.86
CA ARG C 56 23.88 1.18 -14.43
C ARG C 56 23.48 1.99 -15.65
N PRO C 57 22.19 2.13 -15.96
CA PRO C 57 21.80 2.96 -17.10
C PRO C 57 21.86 4.44 -16.77
N SER C 58 21.91 5.25 -17.83
CA SER C 58 21.82 6.69 -17.67
C SER C 58 20.44 7.09 -17.15
N GLY C 59 20.40 8.18 -16.39
CA GLY C 59 19.19 8.60 -15.71
C GLY C 59 19.06 8.05 -14.30
N ALA C 60 19.82 7.01 -13.96
CA ALA C 60 19.93 6.52 -12.60
C ALA C 60 21.24 7.02 -12.01
N SER C 61 21.19 7.51 -10.77
CA SER C 61 22.35 8.16 -10.18
C SER C 61 23.49 7.15 -9.98
N ASN C 62 24.71 7.68 -9.99
CA ASN C 62 25.91 6.85 -9.85
C ASN C 62 26.19 6.46 -8.39
N ARG C 63 25.26 6.73 -7.48
CA ARG C 63 25.36 6.22 -6.12
C ARG C 63 24.89 4.78 -6.01
N PHE C 64 24.17 4.27 -7.00
CA PHE C 64 23.71 2.89 -7.03
C PHE C 64 24.70 2.03 -7.79
N SER C 65 25.10 0.92 -7.18
CA SER C 65 26.00 -0.04 -7.82
C SER C 65 25.48 -1.44 -7.57
N GLY C 66 25.99 -2.40 -8.34
CA GLY C 66 25.57 -3.78 -8.23
C GLY C 66 26.70 -4.77 -8.43
N SER C 67 26.70 -5.84 -7.62
CA SER C 67 27.74 -6.85 -7.66
C SER C 67 27.10 -8.23 -7.60
N LYS C 68 27.93 -9.27 -7.69
CA LYS C 68 27.47 -10.64 -7.58
C LYS C 68 28.56 -11.48 -6.95
N SER C 69 28.16 -12.46 -6.15
CA SER C 69 29.08 -13.45 -5.60
C SER C 69 28.33 -14.76 -5.48
N GLY C 70 28.82 -15.78 -6.16
CA GLY C 70 28.10 -17.04 -6.21
C GLY C 70 26.74 -16.83 -6.81
N ASN C 71 25.69 -17.19 -6.06
CA ASN C 71 24.30 -16.99 -6.48
C ASN C 71 23.62 -15.89 -5.67
N THR C 72 24.38 -14.88 -5.27
CA THR C 72 23.86 -13.76 -4.48
C THR C 72 24.20 -12.46 -5.20
N ALA C 73 23.18 -11.83 -5.79
CA ALA C 73 23.33 -10.49 -6.34
C ALA C 73 23.12 -9.47 -5.24
N SER C 74 23.88 -8.38 -5.29
CA SER C 74 23.88 -7.40 -4.22
C SER C 74 23.76 -5.99 -4.79
N LEU C 75 22.92 -5.17 -4.16
CA LEU C 75 22.70 -3.79 -4.57
C LEU C 75 23.20 -2.87 -3.45
N THR C 76 24.16 -2.01 -3.79
CA THR C 76 24.72 -1.05 -2.86
C THR C 76 24.31 0.36 -3.25
N ILE C 77 23.90 1.14 -2.24
CA ILE C 77 23.52 2.54 -2.43
C ILE C 77 24.44 3.37 -1.55
N SER C 78 25.35 4.11 -2.18
CA SER C 78 26.29 4.94 -1.45
C SER C 78 25.68 6.33 -1.22
N GLY C 79 26.29 7.08 -0.31
CA GLY C 79 25.83 8.41 0.02
C GLY C 79 24.33 8.48 0.17
N LEU C 80 23.79 7.67 1.07
CA LEU C 80 22.34 7.50 1.19
C LEU C 80 21.66 8.85 1.36
N GLN C 81 20.60 9.07 0.57
CA GLN C 81 19.82 10.28 0.59
C GLN C 81 18.39 9.96 1.04
N ALA C 82 17.62 11.02 1.29
CA ALA C 82 16.24 10.85 1.75
C ALA C 82 15.36 10.28 0.65
N GLU C 83 15.50 10.80 -0.58
CA GLU C 83 14.69 10.32 -1.69
C GLU C 83 15.02 8.89 -2.09
N ASP C 84 16.05 8.28 -1.50
CA ASP C 84 16.34 6.87 -1.76
C ASP C 84 15.39 5.94 -1.03
N GLU C 85 14.66 6.43 -0.03
CA GLU C 85 13.72 5.60 0.71
C GLU C 85 12.65 5.08 -0.24
N ALA C 86 12.56 3.76 -0.35
CA ALA C 86 11.64 3.14 -1.31
C ALA C 86 11.67 1.62 -1.21
N ASP C 87 10.87 0.95 -2.03
CA ASP C 87 10.96 -0.49 -2.22
C ASP C 87 11.99 -0.78 -3.29
N TYR C 88 12.78 -1.83 -3.09
CA TYR C 88 13.78 -2.27 -4.06
C TYR C 88 13.61 -3.74 -4.34
N TYR C 89 13.55 -4.09 -5.62
CA TYR C 89 13.33 -5.45 -6.09
C TYR C 89 14.50 -5.87 -6.97
N CYS C 90 14.89 -7.14 -6.86
CA CYS C 90 15.76 -7.75 -7.84
C CYS C 90 14.94 -8.66 -8.74
N CYS C 91 15.44 -8.88 -9.96
CA CYS C 91 14.74 -9.65 -10.96
C CYS C 91 15.77 -10.47 -11.73
N SER C 92 15.33 -11.63 -12.24
CA SER C 92 16.23 -12.51 -12.97
C SER C 92 15.43 -13.27 -14.02
N TYR C 93 16.11 -13.54 -15.14
CA TYR C 93 15.58 -14.46 -16.13
C TYR C 93 15.69 -15.88 -15.58
N VAL C 94 14.64 -16.68 -15.77
CA VAL C 94 14.60 -18.04 -15.25
C VAL C 94 14.28 -19.02 -16.38
N GLY C 95 14.83 -18.77 -17.57
CA GLY C 95 14.71 -19.70 -18.67
C GLY C 95 13.34 -19.70 -19.33
N SER C 96 13.27 -20.18 -20.58
CA SER C 96 12.00 -20.32 -21.30
C SER C 96 11.20 -19.02 -21.29
N ASP C 97 11.90 -17.91 -21.54
CA ASP C 97 11.26 -16.61 -21.75
C ASP C 97 10.42 -16.19 -20.56
N THR C 98 10.88 -16.49 -19.36
CA THR C 98 10.18 -16.13 -18.14
C THR C 98 11.10 -15.37 -17.21
N TRP C 99 10.51 -14.44 -16.47
CA TRP C 99 11.23 -13.65 -15.47
C TRP C 99 10.54 -13.83 -14.13
N VAL C 100 11.28 -13.52 -13.06
CA VAL C 100 10.74 -13.61 -11.71
C VAL C 100 11.33 -12.47 -10.90
N PHE C 101 10.53 -11.98 -9.95
CA PHE C 101 10.95 -10.92 -9.04
C PHE C 101 11.24 -11.50 -7.67
N GLY C 102 11.99 -10.72 -6.87
CA GLY C 102 12.17 -11.04 -5.48
C GLY C 102 11.05 -10.46 -4.62
N GLY C 103 11.04 -10.86 -3.35
CA GLY C 103 10.03 -10.38 -2.44
C GLY C 103 10.06 -8.88 -2.20
N GLY C 104 11.16 -8.22 -2.54
CA GLY C 104 11.29 -6.79 -2.29
C GLY C 104 11.87 -6.50 -0.93
N THR C 105 12.54 -5.36 -0.83
CA THR C 105 13.12 -4.89 0.42
C THR C 105 12.66 -3.46 0.68
N LYS C 106 12.15 -3.21 1.88
CA LYS C 106 11.80 -1.86 2.31
C LYS C 106 13.06 -1.21 2.87
N LEU C 107 13.61 -0.25 2.12
CA LEU C 107 14.75 0.54 2.58
C LEU C 107 14.25 1.75 3.34
N THR C 108 14.67 1.88 4.60
CA THR C 108 14.33 3.04 5.43
C THR C 108 15.57 3.90 5.60
N VAL C 109 15.41 5.20 5.39
CA VAL C 109 16.48 6.17 5.60
C VAL C 109 16.22 6.82 6.96
N LEU C 110 16.93 6.37 7.98
CA LEU C 110 16.74 6.88 9.35
C LEU C 110 17.20 8.33 9.38
N GLY C 111 16.32 9.21 8.91
CA GLY C 111 16.61 10.62 8.84
C GLY C 111 15.79 11.46 9.81
N GLN C 112 15.54 10.94 11.00
CA GLN C 112 14.76 11.65 12.00
C GLN C 112 14.98 11.00 13.35
N PRO C 113 15.00 11.78 14.43
CA PRO C 113 15.09 11.17 15.76
C PRO C 113 13.89 10.29 16.06
N LYS C 114 14.13 9.21 16.80
CA LYS C 114 13.04 8.32 17.19
C LYS C 114 11.99 9.08 17.98
N ALA C 115 10.74 8.63 17.84
CA ALA C 115 9.61 9.26 18.52
C ALA C 115 8.64 8.17 18.95
N ALA C 116 8.29 8.17 20.23
CA ALA C 116 7.32 7.20 20.73
C ALA C 116 5.90 7.66 20.40
N PRO C 117 4.97 6.73 20.24
CA PRO C 117 3.63 7.12 19.79
C PRO C 117 2.84 7.79 20.88
N SER C 118 1.99 8.72 20.46
CA SER C 118 0.94 9.29 21.30
C SER C 118 -0.34 8.51 21.00
N VAL C 119 -0.98 7.96 22.04
CA VAL C 119 -2.14 7.11 21.91
C VAL C 119 -3.35 7.79 22.51
N THR C 120 -4.51 7.64 21.86
CA THR C 120 -5.78 8.15 22.39
C THR C 120 -6.85 7.10 22.17
N LEU C 121 -7.49 6.67 23.25
CA LEU C 121 -8.51 5.63 23.21
C LEU C 121 -9.86 6.23 23.58
N PHE C 122 -10.85 6.04 22.71
CA PHE C 122 -12.22 6.47 22.97
C PHE C 122 -13.08 5.25 23.26
N PRO C 123 -14.01 5.34 24.19
CA PRO C 123 -14.96 4.26 24.40
C PRO C 123 -16.11 4.38 23.42
N PRO C 124 -17.02 3.41 23.39
CA PRO C 124 -18.16 3.51 22.48
C PRO C 124 -19.00 4.72 22.81
N SER C 125 -19.43 5.43 21.77
CA SER C 125 -20.29 6.58 21.96
C SER C 125 -21.66 6.15 22.47
N SER C 126 -22.39 7.10 23.05
CA SER C 126 -23.75 6.82 23.50
C SER C 126 -24.63 6.41 22.33
N GLU C 127 -24.61 7.21 21.24
CA GLU C 127 -25.42 6.89 20.07
C GLU C 127 -25.18 5.47 19.60
N GLU C 128 -23.92 5.08 19.45
CA GLU C 128 -23.61 3.74 18.93
C GLU C 128 -24.16 2.66 19.83
N LEU C 129 -24.14 2.88 21.15
CA LEU C 129 -24.73 1.91 22.06
C LEU C 129 -26.24 1.85 21.90
N GLN C 130 -26.87 2.97 21.56
CA GLN C 130 -28.30 2.94 21.26
C GLN C 130 -28.59 2.09 20.03
N ALA C 131 -27.67 2.08 19.05
CA ALA C 131 -27.82 1.29 17.83
C ALA C 131 -27.40 -0.16 18.01
N ASN C 132 -27.04 -0.57 19.23
CA ASN C 132 -26.71 -1.96 19.53
C ASN C 132 -25.40 -2.40 18.88
N LYS C 133 -24.45 -1.47 18.74
CA LYS C 133 -23.08 -1.76 18.34
C LYS C 133 -22.14 -1.19 19.38
N ALA C 134 -20.87 -1.58 19.30
CA ALA C 134 -19.84 -1.07 20.20
C ALA C 134 -18.50 -1.06 19.49
N THR C 135 -17.86 0.10 19.46
CA THR C 135 -16.59 0.29 18.77
C THR C 135 -15.64 1.08 19.65
N LEU C 136 -14.42 0.56 19.83
CA LEU C 136 -13.35 1.28 20.50
C LEU C 136 -12.39 1.83 19.46
N VAL C 137 -11.95 3.07 19.66
CA VAL C 137 -11.13 3.79 18.68
C VAL C 137 -9.80 4.08 19.35
N CYS C 138 -8.73 3.46 18.86
CA CYS C 138 -7.37 3.68 19.35
C CYS C 138 -6.60 4.46 18.29
N LEU C 139 -6.33 5.73 18.57
CA LEU C 139 -5.66 6.63 17.64
C LEU C 139 -4.20 6.78 18.01
N ILE C 140 -3.32 6.38 17.08
CA ILE C 140 -1.88 6.33 17.32
C ILE C 140 -1.22 7.34 16.40
N SER C 141 -0.39 8.22 16.95
CA SER C 141 0.17 9.32 16.17
C SER C 141 1.57 9.67 16.66
N ASP C 142 2.31 10.33 15.77
CA ASP C 142 3.59 10.96 16.12
C ASP C 142 4.62 9.94 16.59
N PHE C 143 4.79 8.86 15.84
CA PHE C 143 5.80 7.85 16.13
C PHE C 143 6.71 7.64 14.93
N TYR C 144 8.01 7.62 15.19
CA TYR C 144 9.00 7.33 14.16
C TYR C 144 10.03 6.34 14.73
N PRO C 145 10.39 5.29 13.97
CA PRO C 145 9.97 4.95 12.60
C PRO C 145 8.51 4.49 12.50
N GLY C 146 8.03 4.31 11.28
CA GLY C 146 6.63 3.96 11.06
C GLY C 146 6.34 2.48 11.16
N ALA C 147 6.37 1.93 12.38
CA ALA C 147 6.11 0.50 12.56
C ALA C 147 5.63 0.29 14.00
N VAL C 148 4.41 -0.24 14.15
CA VAL C 148 3.85 -0.53 15.46
C VAL C 148 3.07 -1.82 15.40
N THR C 149 2.89 -2.43 16.56
CA THR C 149 1.98 -3.55 16.75
C THR C 149 0.97 -3.16 17.81
N VAL C 150 -0.30 -3.46 17.56
CA VAL C 150 -1.39 -3.11 18.46
C VAL C 150 -1.97 -4.39 19.03
N ALA C 151 -2.18 -4.39 20.35
CA ALA C 151 -2.82 -5.50 21.05
C ALA C 151 -3.93 -4.92 21.93
N TRP C 152 -5.06 -5.61 21.95
CA TRP C 152 -6.19 -5.23 22.78
C TRP C 152 -6.32 -6.21 23.94
N LYS C 153 -6.93 -5.74 25.04
CA LYS C 153 -7.17 -6.59 26.19
C LYS C 153 -8.52 -6.26 26.80
N ALA C 154 -9.25 -7.29 27.19
CA ALA C 154 -10.46 -7.15 27.99
C ALA C 154 -10.10 -7.48 29.43
N ASP C 155 -10.24 -6.51 30.31
CA ASP C 155 -9.63 -6.59 31.64
C ASP C 155 -8.14 -6.80 31.46
N SER C 156 -7.65 -8.02 31.70
CA SER C 156 -6.26 -8.37 31.45
C SER C 156 -6.07 -9.42 30.38
N SER C 157 -7.12 -10.16 30.01
CA SER C 157 -7.00 -11.17 28.96
C SER C 157 -6.84 -10.49 27.59
N PRO C 158 -6.07 -11.09 26.69
CA PRO C 158 -5.91 -10.52 25.35
C PRO C 158 -7.13 -10.78 24.48
N VAL C 159 -7.23 -9.98 23.42
CA VAL C 159 -8.35 -10.06 22.49
C VAL C 159 -7.81 -9.86 21.08
N LYS C 160 -8.16 -10.78 20.18
CA LYS C 160 -7.84 -10.64 18.76
C LYS C 160 -9.07 -10.67 17.86
N ALA C 161 -10.20 -11.14 18.35
CA ALA C 161 -11.43 -11.15 17.55
C ALA C 161 -12.06 -9.77 17.55
N GLY C 162 -12.51 -9.35 16.36
CA GLY C 162 -13.09 -8.04 16.20
C GLY C 162 -12.11 -6.90 16.14
N VAL C 163 -10.86 -7.17 15.74
CA VAL C 163 -9.80 -6.17 15.72
C VAL C 163 -9.47 -5.83 14.27
N GLU C 164 -9.46 -4.54 13.96
CA GLU C 164 -9.07 -4.05 12.63
C GLU C 164 -8.07 -2.93 12.82
N THR C 165 -6.88 -3.08 12.25
CA THR C 165 -5.78 -2.14 12.44
C THR C 165 -5.23 -1.70 11.09
N THR C 166 -4.85 -0.43 10.99
CA THR C 166 -4.34 0.14 9.76
C THR C 166 -2.84 -0.09 9.63
N THR C 167 -2.36 0.15 8.44
CA THR C 167 -0.93 0.27 8.22
C THR C 167 -0.49 1.68 8.57
N PRO C 168 0.70 1.86 9.15
CA PRO C 168 1.16 3.22 9.46
C PRO C 168 1.19 4.08 8.21
N SER C 169 0.88 5.37 8.39
CA SER C 169 0.84 6.33 7.29
C SER C 169 1.63 7.57 7.68
N LYS C 170 2.26 8.18 6.69
CA LYS C 170 3.11 9.35 6.92
C LYS C 170 2.25 10.58 7.19
N GLN C 171 2.47 11.22 8.34
CA GLN C 171 1.73 12.42 8.68
C GLN C 171 2.32 13.63 7.96
N SER C 172 1.77 14.82 8.25
CA SER C 172 2.28 16.05 7.66
C SER C 172 3.71 16.34 8.13
N ASN C 173 3.99 16.13 9.41
CA ASN C 173 5.30 16.43 9.98
C ASN C 173 6.31 15.31 9.77
N ASN C 174 6.02 14.34 8.91
CA ASN C 174 6.89 13.22 8.55
C ASN C 174 6.93 12.14 9.63
N LYS C 175 6.18 12.27 10.71
CA LYS C 175 5.99 11.17 11.64
C LYS C 175 4.79 10.34 11.18
N TYR C 176 4.63 9.16 11.78
CA TYR C 176 3.66 8.19 11.30
C TYR C 176 2.43 8.13 12.19
N ALA C 177 1.33 7.69 11.58
CA ALA C 177 0.05 7.56 12.27
C ALA C 177 -0.55 6.20 11.97
N ALA C 178 -1.35 5.70 12.90
CA ALA C 178 -2.10 4.47 12.70
C ALA C 178 -3.31 4.50 13.63
N SER C 179 -4.26 3.61 13.35
CA SER C 179 -5.48 3.51 14.14
C SER C 179 -5.88 2.04 14.22
N SER C 180 -6.61 1.71 15.27
CA SER C 180 -7.09 0.34 15.50
C SER C 180 -8.48 0.41 16.11
N TYR C 181 -9.34 -0.51 15.69
CA TYR C 181 -10.73 -0.54 16.14
C TYR C 181 -11.07 -1.94 16.66
N LEU C 182 -11.65 -2.00 17.85
CA LEU C 182 -12.13 -3.24 18.44
C LEU C 182 -13.65 -3.21 18.45
N SER C 183 -14.27 -4.18 17.78
CA SER C 183 -15.72 -4.27 17.68
C SER C 183 -16.24 -5.25 18.71
N LEU C 184 -17.20 -4.80 19.52
CA LEU C 184 -17.80 -5.61 20.57
C LEU C 184 -19.32 -5.53 20.48
N THR C 185 -19.99 -6.39 21.27
CA THR C 185 -21.41 -6.18 21.53
C THR C 185 -21.59 -5.25 22.73
N PRO C 186 -22.66 -4.47 22.78
CA PRO C 186 -22.88 -3.64 23.97
C PRO C 186 -22.82 -4.43 25.27
N GLU C 187 -23.24 -5.70 25.24
CA GLU C 187 -23.12 -6.54 26.43
C GLU C 187 -21.65 -6.77 26.78
N GLN C 188 -20.84 -7.13 25.78
CA GLN C 188 -19.41 -7.34 26.03
C GLN C 188 -18.76 -6.08 26.58
N TRP C 189 -19.10 -4.92 26.01
CA TRP C 189 -18.52 -3.67 26.50
C TRP C 189 -18.77 -3.49 27.99
N LYS C 190 -20.02 -3.62 28.42
CA LYS C 190 -20.36 -3.40 29.82
C LYS C 190 -20.08 -4.63 30.69
N SER C 191 -19.70 -5.76 30.09
CA SER C 191 -19.44 -6.96 30.88
C SER C 191 -18.15 -6.83 31.69
N HIS C 192 -17.12 -6.24 31.09
CA HIS C 192 -15.81 -6.21 31.72
C HIS C 192 -15.60 -4.91 32.49
N ARG C 193 -14.60 -4.91 33.36
CA ARG C 193 -14.28 -3.71 34.13
C ARG C 193 -13.57 -2.68 33.27
N SER C 194 -12.78 -3.09 32.29
CA SER C 194 -12.11 -2.13 31.42
C SER C 194 -11.56 -2.86 30.20
N TYR C 195 -11.31 -2.08 29.15
CA TYR C 195 -10.59 -2.54 27.97
C TYR C 195 -9.39 -1.64 27.76
N SER C 196 -8.34 -2.20 27.16
CA SER C 196 -7.08 -1.48 26.98
C SER C 196 -6.56 -1.66 25.56
N CYS C 197 -5.86 -0.64 25.07
CA CYS C 197 -5.18 -0.67 23.79
C CYS C 197 -3.69 -0.48 24.02
N GLN C 198 -2.89 -1.44 23.58
CA GLN C 198 -1.45 -1.44 23.79
C GLN C 198 -0.73 -1.22 22.46
N VAL C 199 0.02 -0.14 22.36
CA VAL C 199 0.82 0.19 21.18
C VAL C 199 2.27 -0.10 21.52
N THR C 200 2.84 -1.12 20.89
CA THR C 200 4.25 -1.43 21.04
C THR C 200 5.01 -0.81 19.87
N HIS C 201 6.06 -0.07 20.18
CA HIS C 201 6.87 0.63 19.18
C HIS C 201 8.32 0.57 19.62
N GLU C 202 9.15 -0.14 18.85
CA GLU C 202 10.58 -0.25 19.15
C GLU C 202 10.82 -0.84 20.53
N GLY C 203 10.02 -1.85 20.90
CA GLY C 203 10.23 -2.57 22.13
C GLY C 203 9.67 -1.90 23.38
N SER C 204 8.92 -0.82 23.24
CA SER C 204 8.33 -0.12 24.36
C SER C 204 6.84 0.10 24.10
N THR C 205 6.05 0.04 25.16
CA THR C 205 4.60 -0.01 25.07
C THR C 205 3.98 1.25 25.67
N VAL C 206 3.03 1.85 24.93
CA VAL C 206 2.14 2.86 25.45
C VAL C 206 0.73 2.27 25.49
N GLU C 207 0.10 2.32 26.67
CA GLU C 207 -1.17 1.63 26.88
C GLU C 207 -2.18 2.61 27.46
N LYS C 208 -3.33 2.72 26.81
CA LYS C 208 -4.46 3.51 27.28
C LYS C 208 -5.60 2.57 27.67
N THR C 209 -6.29 2.92 28.76
CA THR C 209 -7.39 2.12 29.26
C THR C 209 -8.66 2.97 29.30
N VAL C 210 -9.79 2.34 28.99
CA VAL C 210 -11.10 2.97 29.12
C VAL C 210 -12.07 1.97 29.72
N ALA C 211 -13.04 2.47 30.47
CA ALA C 211 -14.06 1.66 31.10
C ALA C 211 -15.43 2.30 30.87
N PRO C 212 -16.51 1.52 30.91
CA PRO C 212 -17.88 2.03 30.76
C PRO C 212 -18.19 3.22 31.68
#